data_4KYR
#
_entry.id   4KYR
#
_cell.length_a   92.776
_cell.length_b   92.776
_cell.length_c   144.942
_cell.angle_alpha   90.00
_cell.angle_beta   90.00
_cell.angle_gamma   120.00
#
_symmetry.space_group_name_H-M   'P 65 2 2'
#
loop_
_entity.id
_entity.type
_entity.pdbx_description
1 polymer 'Phosphoglucan phosphatase LSF2, chloroplastic'
2 branched alpha-D-glucopyranose-(1-4)-alpha-D-glucopyranose-(1-4)-alpha-D-glucopyranose-(1-4)-alpha-D-glucopyranose-(1-4)-alpha-D-glucopyranose-(1-4)-alpha-D-glucopyranose
3 branched alpha-D-glucopyranose-(1-4)-alpha-D-glucopyranose-(1-4)-alpha-D-glucopyranose-(1-4)-alpha-D-glucopyranose-(1-4)-alpha-D-glucopyranose
4 non-polymer 'PHOSPHATE ION'
5 water water
#
_entity_poly.entity_id   1
_entity_poly.type   'polypeptide(L)'
_entity_poly.pdbx_seq_one_letter_code
;GSHMMRSPYEYHHDLGMNYTLIRDELIVGSQPQKPEDIDHLKQEQNVAYILNLQQDKDIEYWGIDLDSIVRRCKELGIRH
MRRPAKDFDPLSLRSQLPKAVSSLEWAVSEGKGRVYVHSSAGLGRAPGVSIAYMYWFCDMNLNTAYDTLVSKRPCGPNKG
AIRGATYDLAKNDPWKEPFESLPENAFEDIADWERKLIQERVRALRGT
;
_entity_poly.pdbx_strand_id   A
#
loop_
_chem_comp.id
_chem_comp.type
_chem_comp.name
_chem_comp.formula
GLC D-saccharide, alpha linking alpha-D-glucopyranose 'C6 H12 O6'
PO4 non-polymer 'PHOSPHATE ION' 'O4 P -3'
#
# COMPACT_ATOMS: atom_id res chain seq x y z
N GLY A 1 -3.70 -27.58 -15.20
CA GLY A 1 -2.97 -28.83 -15.56
C GLY A 1 -1.55 -28.75 -15.05
N SER A 2 -0.71 -29.68 -15.49
CA SER A 2 0.75 -29.65 -15.21
C SER A 2 1.42 -28.35 -15.66
N HIS A 3 2.12 -27.67 -14.77
CA HIS A 3 2.81 -26.43 -15.16
C HIS A 3 3.98 -26.02 -14.26
N MET A 4 5.06 -25.59 -14.89
CA MET A 4 6.14 -24.92 -14.19
C MET A 4 5.65 -23.62 -13.64
N MET A 5 6.12 -23.22 -12.47
CA MET A 5 5.70 -21.94 -11.92
C MET A 5 6.38 -20.79 -12.67
N ARG A 6 5.57 -19.91 -13.25
CA ARG A 6 6.03 -18.71 -13.99
C ARG A 6 7.14 -18.01 -13.19
N SER A 7 6.75 -17.50 -12.02
CA SER A 7 7.61 -16.73 -11.13
C SER A 7 7.38 -17.19 -9.69
N PRO A 8 8.18 -16.64 -8.74
CA PRO A 8 8.04 -17.03 -7.34
C PRO A 8 6.65 -16.78 -6.76
N TYR A 9 6.09 -15.60 -7.03
CA TYR A 9 4.73 -15.27 -6.63
C TYR A 9 3.85 -15.05 -7.88
N GLU A 10 2.75 -15.76 -7.98
CA GLU A 10 1.89 -15.65 -9.14
C GLU A 10 0.59 -15.00 -8.72
N TYR A 11 0.05 -14.09 -9.53
CA TYR A 11 -1.34 -13.61 -9.30
C TYR A 11 -2.36 -14.52 -10.00
N HIS A 12 -3.24 -15.16 -9.22
CA HIS A 12 -4.31 -16.00 -9.77
C HIS A 12 -5.59 -15.22 -9.76
N HIS A 13 -5.74 -14.33 -10.76
CA HIS A 13 -6.94 -13.50 -10.89
C HIS A 13 -8.23 -14.36 -10.94
N ASP A 14 -8.12 -15.51 -11.57
CA ASP A 14 -9.22 -16.43 -11.76
C ASP A 14 -9.73 -17.07 -10.42
N LEU A 15 -9.01 -16.91 -9.32
CA LEU A 15 -9.47 -17.40 -8.03
C LEU A 15 -10.26 -16.35 -7.22
N GLY A 16 -10.42 -15.16 -7.78
CA GLY A 16 -11.20 -14.11 -7.13
C GLY A 16 -10.31 -13.27 -6.25
N MET A 17 -10.82 -12.13 -5.83
CA MET A 17 -10.14 -11.26 -4.86
C MET A 17 -9.67 -12.05 -3.63
N ASN A 18 -8.40 -11.89 -3.30
CA ASN A 18 -7.84 -12.44 -2.05
C ASN A 18 -7.20 -11.37 -1.19
N TYR A 19 -7.12 -11.63 0.11
CA TYR A 19 -6.60 -10.61 1.02
C TYR A 19 -6.20 -11.19 2.36
N THR A 20 -5.41 -10.41 3.09
CA THR A 20 -4.83 -10.81 4.34
C THR A 20 -4.92 -9.66 5.35
N LEU A 21 -5.33 -10.00 6.56
CA LEU A 21 -5.47 -9.03 7.64
C LEU A 21 -4.08 -8.90 8.23
N ILE A 22 -3.54 -7.70 8.28
CA ILE A 22 -2.14 -7.57 8.69
C ILE A 22 -2.04 -7.03 10.09
N ARG A 23 -2.90 -6.05 10.37
CA ARG A 23 -3.12 -5.51 11.69
C ARG A 23 -4.60 -5.32 11.74
N ASP A 24 -5.15 -4.99 12.90
CA ASP A 24 -6.62 -4.89 13.01
C ASP A 24 -7.22 -3.79 12.18
N GLU A 25 -6.52 -2.67 11.98
CA GLU A 25 -7.05 -1.59 11.11
C GLU A 25 -6.85 -1.80 9.59
N LEU A 26 -6.05 -2.79 9.22
CA LEU A 26 -5.36 -2.82 7.91
C LEU A 26 -5.44 -4.17 7.20
N ILE A 27 -6.08 -4.20 6.05
CA ILE A 27 -6.12 -5.35 5.16
C ILE A 27 -5.43 -5.05 3.84
N VAL A 28 -4.61 -6.00 3.41
CA VAL A 28 -3.88 -5.92 2.13
C VAL A 28 -4.35 -7.09 1.25
N GLY A 29 -4.65 -6.80 0.00
CA GLY A 29 -5.14 -7.80 -0.96
C GLY A 29 -5.21 -7.34 -2.41
N SER A 30 -5.82 -8.17 -3.27
CA SER A 30 -5.92 -7.94 -4.67
C SER A 30 -7.13 -7.10 -5.00
N GLN A 31 -7.25 -6.69 -6.27
CA GLN A 31 -8.36 -5.84 -6.68
C GLN A 31 -9.73 -6.54 -6.45
N PRO A 32 -10.67 -5.81 -5.84
CA PRO A 32 -12.05 -6.23 -5.98
C PRO A 32 -12.40 -6.27 -7.46
N GLN A 33 -13.09 -7.34 -7.86
CA GLN A 33 -13.38 -7.57 -9.28
C GLN A 33 -14.80 -7.18 -9.68
N LYS A 34 -15.68 -7.07 -8.70
CA LYS A 34 -17.13 -6.87 -8.93
C LYS A 34 -17.70 -6.04 -7.75
N PRO A 35 -18.87 -5.42 -7.92
CA PRO A 35 -19.52 -4.73 -6.82
C PRO A 35 -19.72 -5.64 -5.62
N GLU A 36 -20.06 -6.89 -5.89
CA GLU A 36 -20.24 -7.93 -4.87
C GLU A 36 -19.02 -8.10 -3.95
N ASP A 37 -17.80 -7.78 -4.44
CA ASP A 37 -16.58 -7.94 -3.60
C ASP A 37 -16.54 -6.83 -2.55
N ILE A 38 -17.13 -5.69 -2.90
CA ILE A 38 -17.34 -4.64 -1.92
C ILE A 38 -18.27 -5.07 -0.80
N ASP A 39 -19.41 -5.69 -1.14
CA ASP A 39 -20.37 -6.17 -0.13
C ASP A 39 -19.70 -7.18 0.78
N HIS A 40 -18.94 -8.09 0.18
CA HIS A 40 -18.16 -9.10 0.92
C HIS A 40 -17.34 -8.42 2.03
N LEU A 41 -16.62 -7.36 1.62
CA LEU A 41 -15.69 -6.67 2.53
C LEU A 41 -16.42 -5.91 3.61
N LYS A 42 -17.52 -5.22 3.25
CA LYS A 42 -18.35 -4.64 4.28
C LYS A 42 -18.88 -5.67 5.28
N GLN A 43 -19.54 -6.71 4.79
CA GLN A 43 -20.21 -7.69 5.65
C GLN A 43 -19.27 -8.54 6.50
N GLU A 44 -18.17 -8.99 5.89
CA GLU A 44 -17.26 -9.92 6.52
C GLU A 44 -16.10 -9.28 7.27
N GLN A 45 -15.71 -8.05 6.90
CA GLN A 45 -14.51 -7.41 7.45
C GLN A 45 -14.65 -5.97 7.94
N ASN A 46 -15.83 -5.40 7.92
CA ASN A 46 -16.07 -4.12 8.50
C ASN A 46 -15.22 -3.06 7.84
N VAL A 47 -15.08 -3.20 6.54
CA VAL A 47 -14.19 -2.32 5.80
C VAL A 47 -14.98 -1.03 5.55
N ALA A 48 -14.38 0.11 5.85
CA ALA A 48 -15.02 1.39 5.57
C ALA A 48 -14.22 2.25 4.58
N TYR A 49 -13.03 1.78 4.22
CA TYR A 49 -12.20 2.51 3.26
C TYR A 49 -11.54 1.52 2.29
N ILE A 50 -11.47 1.97 1.04
CA ILE A 50 -10.67 1.28 0.03
C ILE A 50 -9.66 2.25 -0.54
N LEU A 51 -8.40 1.84 -0.47
CA LEU A 51 -7.29 2.55 -1.06
C LEU A 51 -6.80 1.69 -2.26
N ASN A 52 -7.00 2.24 -3.46
CA ASN A 52 -6.76 1.60 -4.73
C ASN A 52 -5.55 2.27 -5.31
N LEU A 53 -4.51 1.49 -5.62
CA LEU A 53 -3.18 1.98 -6.02
C LEU A 53 -2.90 1.71 -7.49
N GLN A 54 -3.94 1.49 -8.28
CA GLN A 54 -3.78 1.05 -9.66
C GLN A 54 -3.78 2.21 -10.64
N GLN A 55 -3.10 2.04 -11.76
CA GLN A 55 -3.34 2.99 -12.88
C GLN A 55 -4.56 2.55 -13.70
N ASP A 56 -5.11 3.49 -14.43
CA ASP A 56 -6.20 3.23 -15.35
C ASP A 56 -5.94 2.09 -16.32
N LYS A 57 -4.69 1.93 -16.75
CA LYS A 57 -4.41 0.92 -17.76
C LYS A 57 -4.43 -0.42 -17.05
N ASP A 58 -4.03 -0.46 -15.77
CA ASP A 58 -4.20 -1.75 -15.04
C ASP A 58 -5.67 -2.15 -15.02
N ILE A 59 -6.51 -1.16 -14.83
CA ILE A 59 -7.92 -1.41 -14.57
C ILE A 59 -8.61 -1.84 -15.85
N GLU A 60 -8.14 -1.31 -16.98
CA GLU A 60 -8.64 -1.71 -18.27
C GLU A 60 -8.17 -3.13 -18.68
N TYR A 61 -6.92 -3.44 -18.39
CA TYR A 61 -6.38 -4.73 -18.73
C TYR A 61 -7.18 -5.84 -18.04
N TRP A 62 -7.55 -5.60 -16.79
CA TRP A 62 -8.23 -6.62 -15.92
C TRP A 62 -9.76 -6.53 -16.04
N GLY A 63 -10.20 -5.68 -16.96
CA GLY A 63 -11.58 -5.62 -17.37
C GLY A 63 -12.52 -5.17 -16.28
N ILE A 64 -12.07 -4.28 -15.39
CA ILE A 64 -12.84 -3.94 -14.22
C ILE A 64 -13.72 -2.73 -14.53
N ASP A 65 -14.98 -2.81 -14.15
CA ASP A 65 -15.91 -1.72 -14.27
C ASP A 65 -15.84 -0.95 -12.96
N LEU A 66 -14.93 -0.01 -12.91
CA LEU A 66 -14.62 0.70 -11.66
C LEU A 66 -15.72 1.61 -11.21
N ASP A 67 -16.42 2.22 -12.17
CA ASP A 67 -17.60 3.02 -11.86
C ASP A 67 -18.65 2.27 -11.07
N SER A 68 -18.82 0.99 -11.28
CA SER A 68 -19.86 0.31 -10.58
C SER A 68 -19.36 -0.08 -9.17
N ILE A 69 -18.07 -0.38 -9.06
CA ILE A 69 -17.40 -0.66 -7.80
C ILE A 69 -17.52 0.56 -6.90
N VAL A 70 -17.22 1.73 -7.45
CA VAL A 70 -17.25 2.98 -6.70
C VAL A 70 -18.67 3.38 -6.31
N ARG A 71 -19.60 3.23 -7.25
CA ARG A 71 -21.04 3.35 -6.93
C ARG A 71 -21.48 2.43 -5.79
N ARG A 72 -21.08 1.17 -5.81
CA ARG A 72 -21.41 0.31 -4.69
C ARG A 72 -20.81 0.80 -3.35
N CYS A 73 -19.60 1.34 -3.41
CA CYS A 73 -18.93 1.85 -2.22
C CYS A 73 -19.77 2.97 -1.62
N LYS A 74 -20.16 3.92 -2.47
CA LYS A 74 -20.98 5.04 -2.04
C LYS A 74 -22.26 4.54 -1.42
N GLU A 75 -22.93 3.57 -2.07
CA GLU A 75 -24.17 3.00 -1.51
C GLU A 75 -23.99 2.40 -0.13
N LEU A 76 -22.82 1.84 0.18
CA LEU A 76 -22.56 1.15 1.44
C LEU A 76 -21.84 1.99 2.50
N GLY A 77 -21.68 3.28 2.21
CA GLY A 77 -21.00 4.19 3.10
C GLY A 77 -19.51 3.95 3.14
N ILE A 78 -18.94 3.32 2.12
CA ILE A 78 -17.48 3.09 2.09
C ILE A 78 -16.81 4.16 1.26
N ARG A 79 -15.72 4.68 1.79
CA ARG A 79 -14.92 5.62 1.05
C ARG A 79 -13.84 4.99 0.17
N HIS A 80 -13.91 5.27 -1.13
CA HIS A 80 -13.02 4.71 -2.12
C HIS A 80 -11.99 5.79 -2.53
N MET A 81 -10.71 5.45 -2.41
CA MET A 81 -9.62 6.37 -2.62
C MET A 81 -8.65 5.87 -3.66
N ARG A 82 -8.34 6.72 -4.64
CA ARG A 82 -7.32 6.38 -5.61
C ARG A 82 -6.00 7.11 -5.46
N ARG A 83 -4.93 6.31 -5.40
CA ARG A 83 -3.56 6.80 -5.44
C ARG A 83 -2.71 5.91 -6.35
N PRO A 84 -2.76 6.16 -7.67
CA PRO A 84 -2.10 5.29 -8.66
C PRO A 84 -0.58 5.28 -8.51
N ALA A 85 0.02 4.17 -8.86
CA ALA A 85 1.45 4.02 -8.99
C ALA A 85 1.66 3.02 -10.13
N LYS A 86 2.79 3.09 -10.83
CA LYS A 86 3.05 2.19 -11.96
C LYS A 86 3.28 0.78 -11.49
N ASP A 87 2.78 -0.19 -12.26
CA ASP A 87 3.00 -1.59 -12.00
C ASP A 87 4.41 -1.93 -12.38
N PHE A 88 5.01 -2.90 -11.69
CA PHE A 88 6.38 -3.32 -11.92
C PHE A 88 7.38 -2.16 -11.91
N ASP A 89 7.19 -1.14 -11.08
CA ASP A 89 8.10 0.03 -11.12
C ASP A 89 8.41 0.57 -9.69
N PRO A 90 9.53 0.11 -9.14
CA PRO A 90 9.89 0.52 -7.76
C PRO A 90 10.19 2.04 -7.62
N LEU A 91 10.62 2.70 -8.68
CA LEU A 91 10.83 4.14 -8.59
C LEU A 91 9.48 4.87 -8.58
N SER A 92 8.48 4.35 -9.30
CA SER A 92 7.15 4.95 -9.21
C SER A 92 6.55 4.71 -7.81
N LEU A 93 6.73 3.49 -7.27
CA LEU A 93 6.17 3.18 -5.95
C LEU A 93 6.82 4.15 -4.95
N ARG A 94 8.13 4.27 -5.01
CA ARG A 94 8.85 5.24 -4.19
C ARG A 94 8.33 6.68 -4.27
N SER A 95 8.17 7.20 -5.49
CA SER A 95 7.67 8.55 -5.66
C SER A 95 6.31 8.75 -5.11
N GLN A 96 5.43 7.71 -5.23
CA GLN A 96 4.01 7.83 -4.81
C GLN A 96 3.83 7.38 -3.33
N LEU A 97 4.86 6.80 -2.74
CA LEU A 97 4.65 6.29 -1.37
C LEU A 97 4.07 7.34 -0.38
N PRO A 98 4.65 8.52 -0.30
CA PRO A 98 4.13 9.45 0.71
C PRO A 98 2.63 9.85 0.57
N LYS A 99 2.18 10.11 -0.63
CA LYS A 99 0.76 10.40 -0.90
C LYS A 99 -0.10 9.18 -0.60
N ALA A 100 0.36 7.99 -0.96
CA ALA A 100 -0.43 6.81 -0.69
C ALA A 100 -0.59 6.59 0.77
N VAL A 101 0.53 6.68 1.50
CA VAL A 101 0.49 6.52 2.92
C VAL A 101 -0.35 7.57 3.62
N SER A 102 -0.39 8.84 3.12
CA SER A 102 -1.19 9.86 3.76
C SER A 102 -2.65 9.51 3.71
N SER A 103 -3.12 8.97 2.58
CA SER A 103 -4.51 8.52 2.45
C SER A 103 -4.81 7.35 3.45
N LEU A 104 -3.91 6.37 3.57
CA LEU A 104 -4.12 5.19 4.47
C LEU A 104 -4.13 5.57 5.94
N GLU A 105 -3.11 6.34 6.36
CA GLU A 105 -3.01 6.79 7.76
C GLU A 105 -4.15 7.74 8.14
N TRP A 106 -4.61 8.56 7.20
CA TRP A 106 -5.78 9.38 7.43
C TRP A 106 -6.98 8.51 7.70
N ALA A 107 -7.20 7.53 6.86
CA ALA A 107 -8.35 6.63 7.04
C ALA A 107 -8.32 5.88 8.37
N VAL A 108 -7.16 5.38 8.78
CA VAL A 108 -7.02 4.64 10.05
C VAL A 108 -7.33 5.60 11.21
N SER A 109 -6.78 6.81 11.14
CA SER A 109 -7.05 7.80 12.15
C SER A 109 -8.52 8.20 12.14
N GLU A 110 -9.24 8.10 11.02
CA GLU A 110 -10.64 8.55 11.04
C GLU A 110 -11.45 7.51 11.78
N GLY A 111 -11.03 6.26 11.73
CA GLY A 111 -11.57 5.25 12.63
C GLY A 111 -12.96 4.67 12.32
N LYS A 112 -13.55 4.90 11.16
CA LYS A 112 -14.88 4.36 10.86
C LYS A 112 -14.95 2.84 10.57
N GLY A 113 -13.83 2.15 10.44
CA GLY A 113 -13.80 0.71 10.14
C GLY A 113 -12.46 0.37 9.47
N ARG A 114 -12.34 -0.80 8.86
CA ARG A 114 -11.03 -1.16 8.38
C ARG A 114 -10.72 -0.50 7.04
N VAL A 115 -9.43 -0.45 6.77
CA VAL A 115 -8.97 0.05 5.49
C VAL A 115 -8.54 -1.15 4.63
N TYR A 116 -9.08 -1.23 3.42
CA TYR A 116 -8.64 -2.24 2.45
C TYR A 116 -7.69 -1.63 1.39
N VAL A 117 -6.42 -1.94 1.51
CA VAL A 117 -5.42 -1.49 0.60
C VAL A 117 -5.12 -2.53 -0.45
N HIS A 118 -5.22 -2.13 -1.73
CA HIS A 118 -5.04 -3.05 -2.84
C HIS A 118 -4.39 -2.41 -4.01
N SER A 119 -3.85 -3.28 -4.84
CA SER A 119 -3.31 -2.90 -6.12
C SER A 119 -3.90 -3.89 -7.13
N SER A 120 -3.15 -4.47 -8.07
CA SER A 120 -3.73 -5.47 -8.98
C SER A 120 -3.73 -6.85 -8.27
N ALA A 121 -2.54 -7.32 -7.89
CA ALA A 121 -2.37 -8.59 -7.17
C ALA A 121 -2.20 -8.47 -5.68
N GLY A 122 -1.90 -7.26 -5.23
CA GLY A 122 -1.51 -7.08 -3.83
C GLY A 122 -0.26 -7.85 -3.46
N LEU A 123 0.71 -7.83 -4.37
CA LEU A 123 1.98 -8.48 -4.21
C LEU A 123 3.12 -7.50 -4.28
N GLY A 124 2.83 -6.30 -4.74
CA GLY A 124 3.84 -5.31 -4.95
C GLY A 124 3.54 -3.97 -4.33
N ARG A 125 2.65 -3.23 -4.93
CA ARG A 125 2.33 -1.92 -4.46
C ARG A 125 1.61 -1.87 -3.12
N ALA A 126 0.54 -2.61 -2.96
CA ALA A 126 -0.21 -2.52 -1.73
C ALA A 126 0.61 -2.98 -0.50
N PRO A 127 1.34 -4.09 -0.61
CA PRO A 127 2.26 -4.42 0.47
C PRO A 127 3.34 -3.33 0.75
N GLY A 128 3.91 -2.73 -0.27
CA GLY A 128 4.84 -1.66 -0.02
C GLY A 128 4.24 -0.50 0.74
N VAL A 129 3.06 -0.04 0.32
CA VAL A 129 2.39 1.01 1.01
C VAL A 129 2.12 0.64 2.46
N SER A 130 1.68 -0.59 2.71
CA SER A 130 1.36 -1.00 4.04
CA SER A 130 1.36 -1.04 4.04
C SER A 130 2.60 -1.04 4.92
N ILE A 131 3.74 -1.46 4.35
CA ILE A 131 4.96 -1.62 5.14
C ILE A 131 5.50 -0.22 5.53
N ALA A 132 5.45 0.75 4.59
CA ALA A 132 5.82 2.10 4.89
C ALA A 132 4.99 2.69 6.03
N TYR A 133 3.69 2.47 5.99
CA TYR A 133 2.77 2.88 7.06
C TYR A 133 3.17 2.32 8.45
N MET A 134 3.46 1.03 8.52
CA MET A 134 3.75 0.38 9.80
C MET A 134 5.10 0.89 10.36
N TYR A 135 6.03 1.15 9.43
CA TYR A 135 7.34 1.72 9.75
C TYR A 135 7.20 3.14 10.22
N TRP A 136 6.62 4.00 9.40
CA TRP A 136 6.60 5.41 9.76
C TRP A 136 5.61 5.73 10.91
N PHE A 137 4.47 5.04 11.00
CA PHE A 137 3.42 5.40 11.95
C PHE A 137 3.16 4.38 13.07
N CYS A 138 3.68 3.14 13.00
CA CYS A 138 3.45 2.15 14.09
C CYS A 138 4.70 1.79 14.84
N ASP A 139 5.64 2.74 15.02
CA ASP A 139 6.85 2.60 15.88
C ASP A 139 7.69 1.34 15.72
N MET A 140 7.91 0.93 14.48
CA MET A 140 8.82 -0.15 14.12
C MET A 140 9.92 0.42 13.27
N ASN A 141 10.98 -0.37 13.09
CA ASN A 141 11.91 -0.17 12.02
C ASN A 141 11.53 -0.90 10.73
N LEU A 142 12.32 -0.68 9.69
CA LEU A 142 11.90 -1.08 8.36
C LEU A 142 11.86 -2.60 8.19
N ASN A 143 12.81 -3.30 8.79
CA ASN A 143 12.87 -4.77 8.70
C ASN A 143 11.74 -5.49 9.44
N THR A 144 11.43 -4.99 10.61
CA THR A 144 10.32 -5.47 11.39
C THR A 144 8.98 -5.23 10.67
N ALA A 145 8.85 -4.09 9.98
CA ALA A 145 7.59 -3.78 9.28
C ALA A 145 7.44 -4.69 8.09
N TYR A 146 8.55 -4.87 7.39
CA TYR A 146 8.64 -5.75 6.25
C TYR A 146 8.23 -7.20 6.61
N ASP A 147 8.81 -7.76 7.67
CA ASP A 147 8.49 -9.13 8.07
C ASP A 147 7.08 -9.26 8.64
N THR A 148 6.59 -8.25 9.33
CA THR A 148 5.21 -8.27 9.77
C THR A 148 4.35 -8.53 8.54
N LEU A 149 4.59 -7.81 7.45
CA LEU A 149 3.80 -8.07 6.25
C LEU A 149 4.07 -9.44 5.55
N VAL A 150 5.30 -9.68 5.10
CA VAL A 150 5.57 -10.86 4.30
C VAL A 150 5.43 -12.21 5.03
N SER A 151 5.46 -12.24 6.36
CA SER A 151 5.19 -13.50 7.07
C SER A 151 3.71 -13.85 7.10
N LYS A 152 2.85 -12.85 7.08
CA LYS A 152 1.43 -13.08 6.89
C LYS A 152 0.97 -13.23 5.44
N ARG A 153 1.55 -12.42 4.54
CA ARG A 153 1.22 -12.39 3.12
C ARG A 153 2.48 -12.44 2.28
N PRO A 154 2.93 -13.67 1.96
CA PRO A 154 4.19 -13.78 1.28
C PRO A 154 4.22 -13.05 -0.08
N CYS A 155 5.34 -12.36 -0.34
CA CYS A 155 5.56 -11.59 -1.58
C CYS A 155 6.94 -10.91 -1.52
N GLY A 156 7.35 -10.22 -2.60
CA GLY A 156 8.65 -9.55 -2.57
C GLY A 156 8.51 -8.09 -2.90
N PRO A 157 7.84 -7.33 -2.01
CA PRO A 157 7.75 -5.92 -2.24
C PRO A 157 9.14 -5.32 -2.10
N ASN A 158 9.37 -4.25 -2.84
CA ASN A 158 10.68 -3.72 -3.02
C ASN A 158 11.07 -2.85 -1.82
N LYS A 159 12.02 -3.34 -1.04
CA LYS A 159 12.49 -2.70 0.18
C LYS A 159 13.25 -1.39 -0.13
N GLY A 160 14.06 -1.41 -1.17
CA GLY A 160 14.81 -0.23 -1.56
C GLY A 160 13.95 1.01 -1.77
N ALA A 161 12.75 0.80 -2.36
CA ALA A 161 11.75 1.85 -2.59
C ALA A 161 11.21 2.47 -1.30
N ILE A 162 10.95 1.63 -0.31
CA ILE A 162 10.48 2.11 0.96
C ILE A 162 11.59 2.89 1.68
N ARG A 163 12.75 2.30 1.79
CA ARG A 163 13.92 2.94 2.37
C ARG A 163 14.22 4.26 1.65
N GLY A 164 14.09 4.26 0.32
CA GLY A 164 14.36 5.46 -0.51
C GLY A 164 13.34 6.55 -0.25
N ALA A 165 12.09 6.15 0.00
CA ALA A 165 11.02 7.10 0.36
C ALA A 165 11.25 7.66 1.75
N THR A 166 11.86 6.85 2.62
CA THR A 166 12.15 7.33 3.98
C THR A 166 13.24 8.43 3.93
N TYR A 167 14.27 8.18 3.15
CA TYR A 167 15.28 9.18 2.76
C TYR A 167 14.67 10.42 2.16
N ASP A 168 13.79 10.24 1.16
CA ASP A 168 13.17 11.41 0.48
C ASP A 168 12.47 12.40 1.45
N LEU A 169 11.82 11.84 2.47
CA LEU A 169 11.10 12.61 3.44
C LEU A 169 11.96 13.08 4.63
N ALA A 170 13.10 12.44 4.87
CA ALA A 170 13.84 12.71 6.13
C ALA A 170 15.22 13.34 6.04
N LYS A 171 15.91 13.15 4.92
CA LYS A 171 17.26 13.59 4.74
C LYS A 171 17.34 15.09 4.44
N ASN A 172 18.27 15.77 5.13
CA ASN A 172 18.62 17.15 4.86
C ASN A 172 19.43 17.19 3.57
N ASP A 173 19.13 18.13 2.68
CA ASP A 173 19.98 18.34 1.48
C ASP A 173 20.35 17.07 0.70
N PRO A 174 19.38 16.43 0.06
CA PRO A 174 19.70 15.16 -0.59
C PRO A 174 20.80 15.25 -1.66
N TRP A 175 20.82 16.38 -2.38
CA TRP A 175 21.85 16.66 -3.38
C TRP A 175 23.27 16.64 -2.84
N LYS A 176 23.43 16.80 -1.55
CA LYS A 176 24.73 16.69 -0.91
C LYS A 176 25.05 15.26 -0.52
N GLU A 177 24.03 14.46 -0.31
CA GLU A 177 24.26 13.07 0.10
C GLU A 177 23.28 12.16 -0.61
N PRO A 178 23.54 11.91 -1.87
CA PRO A 178 22.65 11.14 -2.68
C PRO A 178 22.42 9.75 -2.12
N PHE A 179 21.17 9.31 -2.25
CA PHE A 179 20.78 8.02 -1.82
C PHE A 179 21.79 6.92 -2.24
N GLU A 180 22.17 6.91 -3.50
CA GLU A 180 23.09 5.89 -4.05
C GLU A 180 24.48 5.98 -3.42
N SER A 181 24.85 7.09 -2.80
CA SER A 181 26.18 7.23 -2.21
C SER A 181 26.23 6.85 -0.73
N LEU A 182 25.12 6.36 -0.16
CA LEU A 182 25.00 6.07 1.25
C LEU A 182 25.02 4.58 1.52
N PRO A 183 25.48 4.20 2.71
CA PRO A 183 25.41 2.77 3.08
C PRO A 183 24.05 2.17 2.80
N GLU A 184 24.05 0.90 2.38
CA GLU A 184 22.82 0.18 2.10
C GLU A 184 21.82 0.07 3.27
N ASN A 185 22.28 0.15 4.51
CA ASN A 185 21.35 0.11 5.64
C ASN A 185 20.80 1.49 6.02
N ALA A 186 21.27 2.55 5.38
CA ALA A 186 20.78 3.87 5.68
C ALA A 186 19.24 3.98 5.57
N PHE A 187 18.63 4.50 6.64
CA PHE A 187 17.19 4.73 6.74
C PHE A 187 16.36 3.44 6.80
N GLU A 188 17.03 2.35 7.13
CA GLU A 188 16.31 1.17 7.69
C GLU A 188 15.72 1.40 9.08
N ASP A 189 16.16 2.50 9.72
CA ASP A 189 15.56 2.95 10.96
C ASP A 189 15.76 4.46 11.03
N ILE A 190 15.08 5.10 11.97
CA ILE A 190 15.04 6.57 12.02
C ILE A 190 15.05 7.08 13.46
N ALA A 191 15.67 8.22 13.65
CA ALA A 191 15.74 8.87 14.93
C ALA A 191 14.37 9.51 15.22
N ASP A 192 14.15 9.93 16.47
CA ASP A 192 12.86 10.52 16.83
C ASP A 192 12.49 11.73 16.01
N TRP A 193 13.43 12.65 15.76
CA TRP A 193 13.09 13.86 14.96
C TRP A 193 12.72 13.52 13.54
N GLU A 194 13.43 12.58 12.94
CA GLU A 194 13.13 12.05 11.63
C GLU A 194 11.72 11.43 11.51
N ARG A 195 11.36 10.63 12.49
CA ARG A 195 10.01 10.02 12.56
C ARG A 195 8.95 11.10 12.67
N LYS A 196 9.17 12.10 13.53
CA LYS A 196 8.25 13.21 13.61
C LYS A 196 8.18 14.01 12.29
N LEU A 197 9.32 14.24 11.66
CA LEU A 197 9.33 15.05 10.41
C LEU A 197 8.54 14.30 9.33
N ILE A 198 8.80 13.00 9.18
CA ILE A 198 8.12 12.18 8.17
C ILE A 198 6.60 12.17 8.39
N GLN A 199 6.18 12.05 9.64
CA GLN A 199 4.76 12.09 9.92
C GLN A 199 4.11 13.44 9.60
N GLU A 200 4.79 14.54 9.92
CA GLU A 200 4.24 15.85 9.59
C GLU A 200 4.12 16.00 8.09
N ARG A 201 5.14 15.62 7.34
CA ARG A 201 5.09 15.81 5.89
C ARG A 201 4.03 14.87 5.29
N VAL A 202 3.90 13.66 5.81
CA VAL A 202 2.86 12.77 5.28
C VAL A 202 1.44 13.30 5.57
N ARG A 203 1.14 13.66 6.82
CA ARG A 203 -0.16 14.26 7.15
C ARG A 203 -0.45 15.56 6.41
N ALA A 204 0.56 16.38 6.14
CA ALA A 204 0.31 17.57 5.31
C ALA A 204 -0.10 17.26 3.87
N LEU A 205 0.06 16.03 3.40
CA LEU A 205 -0.42 15.63 2.06
C LEU A 205 -1.90 15.25 2.03
N ARG A 206 -2.55 15.23 3.19
CA ARG A 206 -3.98 14.95 3.24
C ARG A 206 -4.89 15.76 2.32
N GLY A 207 -5.63 15.08 1.48
CA GLY A 207 -6.57 15.78 0.61
C GLY A 207 -5.89 16.51 -0.52
N THR A 208 -4.59 16.31 -0.72
CA THR A 208 -3.89 16.87 -1.89
C THR A 208 -3.98 15.85 -2.98
C1 GLC B . 7.67 -3.44 -18.06
C2 GLC B . 7.37 -3.22 -19.51
C3 GLC B . 6.04 -3.84 -19.88
C4 GLC B . 5.86 -5.25 -19.32
C5 GLC B . 6.42 -5.41 -17.92
C6 GLC B . 6.54 -6.87 -17.55
O1 GLC B . 6.65 -2.80 -17.30
O2 GLC B . 7.31 -1.82 -19.76
O3 GLC B . 5.97 -3.84 -21.31
O4 GLC B . 4.47 -5.56 -19.22
O5 GLC B . 7.71 -4.84 -17.82
O6 GLC B . 7.93 -7.16 -17.53
C1 GLC B . 4.16 -6.71 -19.98
C2 GLC B . 2.68 -6.55 -20.32
C3 GLC B . 1.83 -6.68 -19.05
C4 GLC B . 2.17 -8.01 -18.36
C5 GLC B . 3.68 -8.22 -18.21
C6 GLC B . 4.00 -9.66 -17.82
O2 GLC B . 2.51 -5.29 -20.91
O3 GLC B . 0.43 -6.56 -19.32
O4 GLC B . 1.59 -7.94 -17.08
O5 GLC B . 4.39 -7.97 -19.40
O6 GLC B . 4.46 -10.33 -18.97
C1 GLC B . 0.35 -8.70 -17.03
C2 GLC B . -0.65 -8.03 -16.11
C3 GLC B . -0.13 -7.96 -14.67
C4 GLC B . 0.40 -9.29 -14.20
C5 GLC B . 1.24 -9.95 -15.29
C6 GLC B . 1.57 -11.38 -14.87
O2 GLC B . -0.92 -6.72 -16.61
O3 GLC B . -1.11 -7.39 -13.81
O4 GLC B . 1.31 -9.10 -13.14
O5 GLC B . 0.57 -9.97 -16.53
O6 GLC B . 2.97 -11.43 -15.05
C1 GLC B . 0.79 -9.30 -11.83
C2 GLC B . 0.95 -7.96 -11.07
C3 GLC B . 2.43 -7.60 -10.82
C4 GLC B . 3.11 -8.77 -10.09
C5 GLC B . 2.87 -10.11 -10.84
C6 GLC B . 3.38 -11.33 -10.03
O2 GLC B . 0.25 -6.93 -11.73
O3 GLC B . 2.50 -6.42 -10.05
O4 GLC B . 4.47 -8.55 -9.83
O5 GLC B . 1.48 -10.35 -11.15
O6 GLC B . 3.37 -12.47 -10.88
C1 GLC B . 4.67 -7.88 -8.55
C2 GLC B . 5.81 -6.86 -8.64
C3 GLC B . 7.08 -7.66 -8.88
C4 GLC B . 7.32 -8.60 -7.71
C5 GLC B . 6.12 -9.54 -7.48
C6 GLC B . 6.27 -10.43 -6.21
O2 GLC B . 5.62 -5.91 -9.69
O3 GLC B . 8.18 -6.80 -9.08
O4 GLC B . 8.48 -9.35 -8.01
O5 GLC B . 4.89 -8.82 -7.49
O6 GLC B . 6.00 -9.86 -4.93
C1 GLC B . 9.57 -9.05 -7.08
C2 GLC B . 10.88 -8.78 -7.84
C3 GLC B . 11.27 -10.00 -8.67
C4 GLC B . 11.38 -11.18 -7.70
C5 GLC B . 10.10 -11.31 -6.86
C6 GLC B . 10.30 -12.38 -5.80
O2 GLC B . 10.72 -7.67 -8.68
O3 GLC B . 12.51 -9.80 -9.34
O4 GLC B . 11.59 -12.33 -8.46
O5 GLC B . 9.79 -10.10 -6.17
O6 GLC B . 11.20 -11.79 -4.90
C1 GLC C . -5.52 21.67 -1.92
C2 GLC C . -4.85 22.17 -0.65
C3 GLC C . -5.35 21.46 0.60
C4 GLC C . -6.84 21.27 0.58
C5 GLC C . -7.17 20.52 -0.67
C6 GLC C . -8.65 20.24 -0.68
O1 GLC C . -4.80 20.53 -2.32
O2 GLC C . -3.49 21.83 -0.81
O3 GLC C . -5.00 22.21 1.74
O4 GLC C . -7.20 20.43 1.65
O5 GLC C . -6.88 21.31 -1.80
O6 GLC C . -9.19 21.20 -1.56
C1 GLC C . -8.04 21.03 2.59
C2 GLC C . -7.53 20.61 3.98
C3 GLC C . -7.57 19.08 4.06
C4 GLC C . -8.97 18.53 3.79
C5 GLC C . -9.47 19.10 2.48
C6 GLC C . -10.93 18.77 2.30
O2 GLC C . -6.21 21.06 4.12
O3 GLC C . -7.06 18.58 5.26
O4 GLC C . -8.88 17.15 3.57
O5 GLC C . -9.34 20.51 2.45
O6 GLC C . -11.23 19.11 0.97
C1 GLC C . -9.58 16.32 4.50
C2 GLC C . -8.65 15.27 5.02
C3 GLC C . -8.20 14.35 3.89
C4 GLC C . -9.38 13.78 3.15
C5 GLC C . -10.45 14.81 2.81
C6 GLC C . -11.79 14.07 2.83
O2 GLC C . -7.54 15.96 5.57
O3 GLC C . -7.46 13.26 4.37
O4 GLC C . -8.91 13.15 1.96
O5 GLC C . -10.66 15.71 3.86
O6 GLC C . -12.58 14.56 1.82
C1 GLC C . -8.99 11.71 2.03
C2 GLC C . -7.71 11.06 1.50
C3 GLC C . -7.49 11.40 0.03
C4 GLC C . -8.76 11.02 -0.72
C5 GLC C . -10.05 11.59 -0.09
C6 GLC C . -11.20 10.84 -0.75
O2 GLC C . -6.60 11.46 2.26
O3 GLC C . -6.32 10.78 -0.54
O4 GLC C . -8.73 11.39 -2.08
O5 GLC C . -10.11 11.26 1.31
O6 GLC C . -12.27 11.71 -0.72
C1 GLC C . -8.14 10.36 -2.90
C2 GLC C . -7.18 11.03 -3.86
C3 GLC C . -7.90 11.89 -4.86
C4 GLC C . -9.00 11.07 -5.54
C5 GLC C . -9.92 10.41 -4.50
C6 GLC C . -10.94 9.46 -5.13
O2 GLC C . -6.29 11.85 -3.14
O3 GLC C . -6.88 12.13 -5.76
O4 GLC C . -9.77 11.88 -6.39
O5 GLC C . -9.12 9.67 -3.61
O6 GLC C . -10.37 8.72 -6.20
C1 GLC C . -9.16 12.08 -7.68
C2 GLC C . -9.82 13.27 -8.34
C3 GLC C . -11.31 12.97 -8.44
C4 GLC C . -11.38 11.80 -9.41
C5 GLC C . -10.60 10.60 -8.86
C6 GLC C . -10.46 9.51 -9.91
O2 GLC C . -9.57 14.39 -7.52
O3 GLC C . -12.05 14.08 -8.89
O4 GLC C . -12.72 11.41 -9.61
O5 GLC C . -9.29 10.96 -8.51
O6 GLC C . -11.41 9.77 -10.93
C1 GLC D . 25.15 8.93 6.82
C2 GLC D . 23.91 9.76 6.56
C3 GLC D . 22.89 9.46 7.63
C4 GLC D . 22.55 8.00 7.68
C5 GLC D . 23.84 7.21 7.82
C6 GLC D . 23.62 5.73 7.60
O1 GLC D . 25.72 9.22 8.07
O2 GLC D . 24.26 11.12 6.52
O3 GLC D . 21.69 10.13 7.33
O4 GLC D . 21.76 7.75 8.84
O5 GLC D . 24.78 7.58 6.84
O6 GLC D . 24.44 5.03 8.49
C1 GLC D . 20.41 7.36 8.61
C2 GLC D . 19.50 8.11 9.54
C3 GLC D . 19.84 7.69 10.95
C4 GLC D . 19.61 6.21 11.10
C5 GLC D . 20.34 5.40 10.03
C6 GLC D . 19.61 4.06 9.96
O2 GLC D . 19.64 9.50 9.44
O3 GLC D . 18.86 8.25 11.73
O4 GLC D . 19.96 5.73 12.38
O5 GLC D . 20.28 5.95 8.71
O6 GLC D . 20.39 3.21 9.21
C1 GLC D . 18.83 5.47 13.27
C2 GLC D . 18.99 6.07 14.64
C3 GLC D . 20.20 5.40 15.33
C4 GLC D . 20.09 3.89 15.33
C5 GLC D . 19.90 3.49 13.85
C6 GLC D . 19.88 1.98 13.60
O2 GLC D . 19.18 7.50 14.62
O3 GLC D . 20.46 5.91 16.61
O4 GLC D . 21.32 3.40 15.85
O5 GLC D . 18.68 4.09 13.47
O6 GLC D . 19.03 1.27 14.49
C1 GLC D . 21.21 2.58 17.04
C2 GLC D . 21.98 3.10 18.27
C3 GLC D . 23.47 3.18 18.04
C4 GLC D . 23.95 1.80 17.66
C5 GLC D . 23.17 1.44 16.41
C6 GLC D . 23.57 0.09 15.86
O2 GLC D . 21.52 4.35 18.66
O3 GLC D . 24.11 3.61 19.21
O4 GLC D . 25.32 1.86 17.38
O5 GLC D . 21.81 1.36 16.76
O6 GLC D . 23.01 -0.97 16.60
C1 GLC D . 26.11 1.06 18.27
C2 GLC D . 27.43 1.78 18.59
C3 GLC D . 28.29 1.83 17.33
C4 GLC D . 28.50 0.44 16.70
C5 GLC D . 27.20 -0.39 16.62
C6 GLC D . 27.46 -1.89 16.40
O2 GLC D . 27.18 3.10 19.04
O3 GLC D . 29.51 2.48 17.64
O4 GLC D . 28.98 0.59 15.37
O5 GLC D . 26.34 -0.26 17.77
O6 GLC D . 27.20 -2.28 15.06
C1 GLC E . 18.02 -3.85 15.70
C2 GLC E . 19.34 -4.61 15.83
C3 GLC E . 20.55 -3.89 15.21
C4 GLC E . 20.28 -3.37 13.81
C5 GLC E . 18.96 -2.58 13.72
C6 GLC E . 18.51 -2.46 12.25
O1 GLC E . 17.84 -2.98 16.81
O2 GLC E . 19.63 -4.78 17.18
O3 GLC E . 21.67 -4.76 15.19
O4 GLC E . 21.41 -2.57 13.49
O5 GLC E . 17.87 -3.13 14.48
O6 GLC E . 17.43 -1.57 12.12
C1 GLC E . 22.01 -2.80 12.19
C2 GLC E . 23.54 -2.95 12.26
C3 GLC E . 24.18 -1.63 12.69
C4 GLC E . 23.68 -0.44 11.86
C5 GLC E . 22.14 -0.45 11.74
C6 GLC E . 21.58 0.61 10.80
O2 GLC E . 23.91 -3.97 13.16
O3 GLC E . 25.57 -1.76 12.60
O4 GLC E . 24.12 0.78 12.46
O5 GLC E . 21.74 -1.74 11.29
O6 GLC E . 20.30 0.27 10.27
C1 GLC E . 24.86 1.63 11.54
C2 GLC E . 26.31 1.77 11.95
C3 GLC E . 26.44 2.59 13.20
C4 GLC E . 25.73 3.91 13.02
C5 GLC E . 24.33 3.85 12.39
C6 GLC E . 23.95 5.18 11.70
O2 GLC E . 26.82 0.50 12.24
O3 GLC E . 27.81 2.83 13.39
O4 GLC E . 25.61 4.54 14.27
O5 GLC E . 24.28 2.90 11.38
O6 GLC E . 23.32 6.09 12.60
C1 GLC E . 26.17 5.85 14.17
C2 GLC E . 27.17 5.97 15.32
C3 GLC E . 26.37 5.88 16.61
C4 GLC E . 25.28 6.95 16.60
C5 GLC E . 24.36 6.90 15.35
C6 GLC E . 23.52 8.12 15.09
O2 GLC E . 28.13 4.94 15.21
O3 GLC E . 27.22 6.02 17.71
O4 GLC E . 24.56 6.70 17.76
O5 GLC E . 25.17 6.84 14.21
O6 GLC E . 22.70 8.51 16.15
C1 GLC E . 24.81 7.66 18.82
C2 GLC E . 24.82 6.92 20.17
C3 GLC E . 23.38 6.43 20.44
C4 GLC E . 22.46 7.66 20.49
C5 GLC E . 22.51 8.32 19.11
C6 GLC E . 21.69 9.58 19.02
O2 GLC E . 25.78 5.86 20.18
O3 GLC E . 23.25 5.58 21.57
O4 GLC E . 21.13 7.34 20.88
O5 GLC E . 23.85 8.72 18.80
O6 GLC E . 22.40 10.54 19.76
P PO4 F . 0.70 -5.29 -7.40
O1 PO4 F . 0.36 -5.60 -5.98
O2 PO4 F . 1.55 -6.43 -7.82
O3 PO4 F . -0.48 -5.12 -8.33
O4 PO4 F . 1.56 -4.05 -7.56
#